data_1ISO
#
_entry.id   1ISO
#
_cell.length_a   102.400
_cell.length_b   102.400
_cell.length_c   150.600
_cell.angle_alpha   90.00
_cell.angle_beta   90.00
_cell.angle_gamma   90.00
#
_symmetry.space_group_name_H-M   'P 43 21 2'
#
loop_
_entity.id
_entity.type
_entity.pdbx_description
1 polymer 'ISOCITRATE DEHYDROGENASE'
2 non-polymer 'SULFATE ION'
3 non-polymer NICOTINAMIDE-ADENINE-DINUCLEOTIDE
4 water water
#
_entity_poly.entity_id   1
_entity_poly.type   'polypeptide(L)'
_entity_poly.pdbx_seq_one_letter_code
;MESKVVVPAQGKKITLQNGKLNVPENPIIPYIEGDGIGVDVTPAMLKVVDAAVEKAYKGERKISWMEIYTGEKSTQVYGQ
DVWLPAETLDLIREYRVAIKGPLTTPVGGGIRSLNVALRQELDLYICLRPVRYYQGTPSPVKHPELTDMVIFRENSEDIY
AGIEWKADSADAEKVIKFLREEMGVKKIRFPEHCGIGIKPMSEEGTKRLVRAAIEYAIANDRDSVTLVHKGNIMKFTEGA
FKDWGYQLAREEFGGELIDGGPWLKVKNPNTGKEIVIKDVIADAFLQQILLRPAEYDVIACMNLNGDYISDALAAQVGGI
GIAPGANIGDEYALFEATHGTAPDIAGQDKANPGSIILSAEMMLRHMGWTEAADLIVKGMEGAINAKTVTKDFESLMDGA
KLLKCSEFGDAIIENM
;
_entity_poly.pdbx_strand_id   A
#
loop_
_chem_comp.id
_chem_comp.type
_chem_comp.name
_chem_comp.formula
NAD non-polymer NICOTINAMIDE-ADENINE-DINUCLEOTIDE 'C21 H27 N7 O14 P2'
SO4 non-polymer 'SULFATE ION' 'O4 S -2'
#
# COMPACT_ATOMS: atom_id res chain seq x y z
N SER A 3 3.24 -13.26 -24.98
CA SER A 3 4.00 -13.02 -26.18
C SER A 3 5.29 -12.22 -25.99
N LYS A 4 5.38 -11.06 -25.31
CA LYS A 4 6.68 -10.40 -25.24
C LYS A 4 7.46 -10.44 -23.93
N VAL A 5 6.92 -11.17 -22.97
CA VAL A 5 7.57 -11.42 -21.70
C VAL A 5 8.49 -12.62 -21.91
N VAL A 6 9.69 -12.58 -21.34
CA VAL A 6 10.62 -13.71 -21.37
C VAL A 6 10.67 -14.36 -20.01
N VAL A 7 10.18 -15.59 -19.88
CA VAL A 7 10.27 -16.31 -18.62
C VAL A 7 11.73 -16.66 -18.38
N PRO A 8 12.35 -16.35 -17.22
CA PRO A 8 13.72 -16.72 -16.87
C PRO A 8 14.02 -18.21 -17.02
N ALA A 9 15.17 -18.46 -17.65
CA ALA A 9 15.65 -19.82 -17.92
C ALA A 9 15.88 -20.59 -16.64
N GLN A 10 16.56 -19.94 -15.72
CA GLN A 10 16.81 -20.51 -14.42
C GLN A 10 15.80 -19.82 -13.54
N GLY A 11 15.13 -20.54 -12.65
CA GLY A 11 14.14 -19.89 -11.82
C GLY A 11 12.95 -20.79 -11.69
N LYS A 12 12.24 -20.63 -10.61
CA LYS A 12 11.10 -21.48 -10.30
C LYS A 12 10.01 -20.62 -9.72
N LYS A 13 8.75 -21.06 -9.94
CA LYS A 13 7.53 -20.42 -9.47
C LYS A 13 7.23 -20.66 -8.00
N ILE A 14 6.93 -19.57 -7.29
CA ILE A 14 6.41 -19.58 -5.93
C ILE A 14 5.03 -20.25 -6.01
N THR A 15 4.72 -21.14 -5.06
CA THR A 15 3.39 -21.72 -5.04
C THR A 15 2.74 -21.44 -3.70
N LEU A 16 1.41 -21.63 -3.60
CA LEU A 16 0.70 -21.39 -2.36
C LEU A 16 0.13 -22.73 -1.94
N GLN A 17 0.58 -23.14 -0.78
CA GLN A 17 0.14 -24.39 -0.19
C GLN A 17 -0.29 -24.17 1.25
N ASN A 18 -1.57 -24.48 1.47
CA ASN A 18 -2.24 -24.40 2.76
C ASN A 18 -2.15 -23.01 3.34
N GLY A 19 -2.51 -22.09 2.43
CA GLY A 19 -2.46 -20.66 2.70
C GLY A 19 -1.07 -20.18 3.10
N LYS A 20 -0.02 -20.91 2.74
CA LYS A 20 1.34 -20.50 3.07
C LYS A 20 2.17 -20.58 1.80
N LEU A 21 2.98 -19.54 1.58
CA LEU A 21 3.82 -19.49 0.40
C LEU A 21 5.01 -20.41 0.53
N ASN A 22 5.20 -21.12 -0.59
CA ASN A 22 6.31 -21.99 -0.80
C ASN A 22 7.18 -21.29 -1.84
N VAL A 23 8.27 -20.72 -1.33
CA VAL A 23 9.19 -19.90 -2.12
C VAL A 23 10.47 -20.68 -2.35
N PRO A 24 10.82 -20.99 -3.61
CA PRO A 24 12.09 -21.58 -3.94
C PRO A 24 13.27 -20.67 -3.66
N GLU A 25 14.47 -21.26 -3.60
CA GLU A 25 15.67 -20.47 -3.42
C GLU A 25 15.95 -19.62 -4.65
N ASN A 26 15.38 -20.03 -5.79
CA ASN A 26 15.54 -19.34 -7.05
C ASN A 26 14.18 -18.87 -7.58
N PRO A 27 13.39 -18.04 -6.90
CA PRO A 27 12.04 -17.68 -7.34
C PRO A 27 12.02 -16.70 -8.52
N ILE A 28 11.05 -16.86 -9.41
CA ILE A 28 10.87 -15.91 -10.49
C ILE A 28 9.94 -14.82 -9.93
N ILE A 29 10.39 -13.56 -9.97
CA ILE A 29 9.54 -12.45 -9.53
C ILE A 29 9.23 -11.50 -10.70
N PRO A 30 7.98 -11.31 -11.13
CA PRO A 30 7.56 -10.29 -12.08
C PRO A 30 7.81 -8.88 -11.53
N TYR A 31 8.33 -7.99 -12.35
CA TYR A 31 8.37 -6.59 -11.95
C TYR A 31 7.89 -5.71 -13.08
N ILE A 32 7.21 -4.60 -12.75
CA ILE A 32 6.78 -3.62 -13.74
C ILE A 32 7.66 -2.40 -13.45
N GLU A 33 8.36 -1.90 -14.47
CA GLU A 33 9.25 -0.77 -14.35
C GLU A 33 8.61 0.49 -13.79
N GLY A 34 7.40 0.77 -14.29
CA GLY A 34 6.68 1.98 -13.93
C GLY A 34 6.97 3.09 -14.92
N ASP A 35 6.00 4.01 -15.06
CA ASP A 35 6.10 5.20 -15.89
C ASP A 35 7.02 6.22 -15.24
N GLY A 36 7.49 7.21 -16.01
CA GLY A 36 8.26 8.33 -15.46
C GLY A 36 9.51 7.86 -14.73
N ILE A 37 9.67 8.24 -13.46
CA ILE A 37 10.85 7.89 -12.70
C ILE A 37 10.96 6.39 -12.40
N GLY A 38 9.98 5.57 -12.78
CA GLY A 38 10.14 4.12 -12.70
C GLY A 38 11.41 3.67 -13.41
N VAL A 39 11.80 4.38 -14.49
CA VAL A 39 13.00 4.07 -15.24
C VAL A 39 14.25 4.32 -14.39
N ASP A 40 14.15 5.23 -13.41
CA ASP A 40 15.24 5.48 -12.46
C ASP A 40 15.22 4.56 -11.22
N VAL A 41 14.05 4.40 -10.60
CA VAL A 41 14.02 3.77 -9.29
C VAL A 41 13.98 2.27 -9.44
N THR A 42 13.39 1.69 -10.50
CA THR A 42 13.39 0.23 -10.59
C THR A 42 14.81 -0.34 -10.73
N PRO A 43 15.79 0.11 -11.57
CA PRO A 43 17.13 -0.47 -11.59
C PRO A 43 17.84 -0.40 -10.25
N ALA A 44 17.62 0.70 -9.50
CA ALA A 44 18.23 0.87 -8.20
C ALA A 44 17.65 -0.19 -7.28
N MET A 45 16.34 -0.43 -7.34
CA MET A 45 15.70 -1.44 -6.52
C MET A 45 16.22 -2.84 -6.90
N LEU A 46 16.39 -3.18 -8.19
CA LEU A 46 16.87 -4.50 -8.59
C LEU A 46 18.26 -4.80 -8.02
N LYS A 47 19.11 -3.78 -8.11
CA LYS A 47 20.47 -3.86 -7.58
C LYS A 47 20.52 -3.96 -6.06
N VAL A 48 19.70 -3.19 -5.34
CA VAL A 48 19.67 -3.22 -3.90
C VAL A 48 19.13 -4.56 -3.39
N VAL A 49 18.04 -5.06 -3.96
CA VAL A 49 17.46 -6.32 -3.53
C VAL A 49 18.46 -7.44 -3.80
N ASP A 50 19.10 -7.46 -4.98
CA ASP A 50 20.04 -8.52 -5.26
C ASP A 50 21.24 -8.52 -4.33
N ALA A 51 21.73 -7.33 -3.89
CA ALA A 51 22.82 -7.28 -2.96
C ALA A 51 22.35 -7.76 -1.61
N ALA A 52 21.11 -7.47 -1.21
CA ALA A 52 20.65 -7.90 0.11
C ALA A 52 20.48 -9.42 0.11
N VAL A 53 20.01 -9.99 -1.00
CA VAL A 53 19.78 -11.42 -1.11
C VAL A 53 21.14 -12.12 -1.15
N GLU A 54 22.09 -11.57 -1.90
CA GLU A 54 23.42 -12.14 -1.98
C GLU A 54 24.09 -12.18 -0.62
N LYS A 55 24.00 -11.07 0.11
CA LYS A 55 24.66 -10.97 1.40
C LYS A 55 23.99 -11.82 2.49
N ALA A 56 22.65 -11.87 2.50
CA ALA A 56 21.94 -12.61 3.51
C ALA A 56 22.13 -14.09 3.38
N TYR A 57 22.10 -14.61 2.15
CA TYR A 57 22.11 -16.04 1.98
C TYR A 57 23.37 -16.59 1.33
N LYS A 58 24.37 -15.72 1.20
CA LYS A 58 25.71 -16.06 0.71
C LYS A 58 25.72 -16.78 -0.63
N GLY A 59 24.88 -16.33 -1.57
CA GLY A 59 24.85 -16.95 -2.87
C GLY A 59 23.90 -18.15 -2.98
N GLU A 60 23.29 -18.64 -1.89
CA GLU A 60 22.39 -19.76 -1.96
C GLU A 60 21.04 -19.45 -2.55
N ARG A 61 20.59 -18.19 -2.44
CA ARG A 61 19.33 -17.77 -3.03
C ARG A 61 19.55 -16.66 -4.03
N LYS A 62 18.66 -16.55 -5.00
CA LYS A 62 18.72 -15.48 -6.00
C LYS A 62 17.38 -15.35 -6.70
N ILE A 63 16.95 -14.12 -6.94
CA ILE A 63 15.70 -13.87 -7.61
C ILE A 63 15.96 -13.82 -9.10
N SER A 64 15.08 -14.51 -9.81
CA SER A 64 15.06 -14.44 -11.25
C SER A 64 13.99 -13.42 -11.64
N TRP A 65 14.44 -12.17 -11.80
CA TRP A 65 13.52 -11.08 -12.16
C TRP A 65 12.94 -11.26 -13.55
N MET A 66 11.65 -11.03 -13.73
CA MET A 66 11.05 -11.15 -15.05
C MET A 66 10.21 -9.88 -15.30
N GLU A 67 10.59 -9.07 -16.31
CA GLU A 67 9.87 -7.84 -16.59
C GLU A 67 8.52 -8.12 -17.24
N ILE A 68 7.46 -7.56 -16.67
CA ILE A 68 6.14 -7.64 -17.27
C ILE A 68 5.63 -6.19 -17.40
N TYR A 69 4.51 -5.96 -18.09
CA TYR A 69 4.18 -4.61 -18.57
C TYR A 69 2.84 -4.05 -18.21
N THR A 70 2.78 -2.77 -17.79
CA THR A 70 1.56 -2.02 -17.54
C THR A 70 1.93 -0.55 -17.74
N GLY A 71 1.02 0.29 -18.24
CA GLY A 71 1.27 1.71 -18.43
C GLY A 71 1.87 1.98 -19.79
N GLU A 72 2.55 3.12 -19.90
CA GLU A 72 3.22 3.53 -21.12
C GLU A 72 4.07 2.47 -21.78
N LYS A 73 4.90 1.79 -20.99
CA LYS A 73 5.80 0.82 -21.56
C LYS A 73 4.99 -0.31 -22.17
N SER A 74 3.83 -0.65 -21.60
CA SER A 74 2.95 -1.65 -22.20
C SER A 74 2.47 -1.20 -23.58
N THR A 75 2.12 0.10 -23.77
CA THR A 75 1.64 0.52 -25.08
C THR A 75 2.81 0.49 -26.04
N GLN A 76 4.04 0.74 -25.57
CA GLN A 76 5.17 0.64 -26.44
C GLN A 76 5.57 -0.82 -26.72
N VAL A 77 5.22 -1.78 -25.86
CA VAL A 77 5.56 -3.18 -26.09
C VAL A 77 4.46 -3.89 -26.87
N TYR A 78 3.23 -3.57 -26.55
CA TYR A 78 2.11 -4.33 -27.07
C TYR A 78 1.18 -3.55 -27.99
N GLY A 79 1.35 -2.25 -28.11
CA GLY A 79 0.47 -1.49 -29.01
C GLY A 79 -0.43 -0.50 -28.32
N GLN A 80 -0.88 0.37 -29.22
CA GLN A 80 -1.71 1.55 -28.98
C GLN A 80 -2.56 1.61 -27.74
N ASP A 81 -3.61 0.85 -27.53
CA ASP A 81 -4.26 1.11 -26.28
C ASP A 81 -4.24 -0.05 -25.31
N VAL A 82 -3.07 -0.70 -25.31
CA VAL A 82 -2.80 -1.80 -24.39
C VAL A 82 -2.11 -1.17 -23.19
N TRP A 83 -2.90 -0.70 -22.23
CA TRP A 83 -2.36 -0.11 -21.01
C TRP A 83 -2.20 -1.16 -19.92
N LEU A 84 -3.02 -2.21 -19.89
CA LEU A 84 -2.89 -3.28 -18.93
C LEU A 84 -3.29 -4.59 -19.64
N PRO A 85 -2.31 -5.28 -20.24
CA PRO A 85 -2.54 -6.51 -20.97
C PRO A 85 -3.04 -7.60 -20.06
N ALA A 86 -3.94 -8.48 -20.53
CA ALA A 86 -4.46 -9.59 -19.76
C ALA A 86 -3.32 -10.46 -19.25
N GLU A 87 -2.31 -10.59 -20.08
CA GLU A 87 -1.11 -11.35 -19.76
C GLU A 87 -0.50 -10.91 -18.44
N THR A 88 -0.43 -9.61 -18.15
CA THR A 88 0.15 -9.13 -16.89
C THR A 88 -0.65 -9.64 -15.70
N LEU A 89 -1.98 -9.63 -15.75
CA LEU A 89 -2.72 -10.19 -14.64
C LEU A 89 -2.48 -11.69 -14.51
N ASP A 90 -2.41 -12.43 -15.63
CA ASP A 90 -2.12 -13.86 -15.56
C ASP A 90 -0.74 -14.17 -15.02
N LEU A 91 0.22 -13.31 -15.31
CA LEU A 91 1.58 -13.52 -14.87
C LEU A 91 1.70 -13.22 -13.38
N ILE A 92 0.99 -12.23 -12.82
CA ILE A 92 1.06 -11.98 -11.37
C ILE A 92 0.37 -13.15 -10.65
N ARG A 93 -0.72 -13.67 -11.26
CA ARG A 93 -1.43 -14.78 -10.66
C ARG A 93 -0.58 -16.03 -10.65
N GLU A 94 0.11 -16.29 -11.76
CA GLU A 94 0.96 -17.46 -11.90
C GLU A 94 2.14 -17.39 -10.97
N TYR A 95 2.83 -16.25 -10.89
CA TYR A 95 4.05 -16.16 -10.08
C TYR A 95 3.91 -15.65 -8.65
N ARG A 96 2.65 -15.32 -8.31
CA ARG A 96 2.18 -14.96 -6.98
C ARG A 96 2.61 -13.65 -6.29
N VAL A 97 3.85 -13.23 -6.54
CA VAL A 97 4.45 -12.12 -5.84
C VAL A 97 5.12 -11.26 -6.90
N ALA A 98 4.85 -9.95 -6.90
CA ALA A 98 5.39 -9.06 -7.91
C ALA A 98 5.55 -7.65 -7.37
N ILE A 99 6.28 -6.78 -8.10
CA ILE A 99 6.53 -5.42 -7.64
C ILE A 99 6.47 -4.48 -8.82
N LYS A 100 6.06 -3.24 -8.56
CA LYS A 100 5.95 -2.27 -9.63
C LYS A 100 6.35 -0.88 -9.19
N GLY A 101 6.86 -0.15 -10.18
CA GLY A 101 7.17 1.25 -10.03
C GLY A 101 5.88 2.05 -10.17
N PRO A 102 5.94 3.39 -10.15
CA PRO A 102 4.75 4.24 -10.28
C PRO A 102 4.07 4.09 -11.63
N LEU A 103 2.76 4.28 -11.67
CA LEU A 103 1.95 4.12 -12.86
C LEU A 103 1.03 5.30 -12.95
N THR A 104 0.83 5.81 -14.14
CA THR A 104 -0.17 6.83 -14.30
C THR A 104 -1.18 6.33 -15.34
N THR A 105 -2.43 6.69 -15.09
CA THR A 105 -3.52 6.32 -15.96
C THR A 105 -3.73 7.47 -16.95
N PRO A 106 -3.84 7.24 -18.27
CA PRO A 106 -4.14 8.29 -19.24
C PRO A 106 -5.50 8.96 -19.00
N VAL A 107 -5.58 10.26 -19.38
CA VAL A 107 -6.78 11.06 -19.26
C VAL A 107 -7.33 11.25 -20.67
N GLY A 108 -8.66 11.24 -20.78
CA GLY A 108 -9.30 11.57 -22.04
C GLY A 108 -9.84 10.39 -22.79
N GLY A 109 -9.53 9.18 -22.33
CA GLY A 109 -9.98 7.98 -23.00
C GLY A 109 -10.97 7.17 -22.19
N GLY A 110 -11.52 7.67 -21.08
CA GLY A 110 -12.48 6.94 -20.26
C GLY A 110 -11.83 5.77 -19.49
N ILE A 111 -10.53 5.76 -19.25
CA ILE A 111 -9.84 4.64 -18.61
C ILE A 111 -9.78 4.91 -17.11
N ARG A 112 -10.18 3.95 -16.29
CA ARG A 112 -10.11 4.10 -14.86
C ARG A 112 -8.77 3.67 -14.34
N SER A 113 -8.42 4.10 -13.13
CA SER A 113 -7.11 3.89 -12.53
C SER A 113 -6.51 2.52 -12.77
N LEU A 114 -5.32 2.46 -13.38
CA LEU A 114 -4.64 1.20 -13.62
C LEU A 114 -4.22 0.56 -12.29
N ASN A 115 -3.88 1.37 -11.26
CA ASN A 115 -3.53 0.85 -9.94
C ASN A 115 -4.68 0.17 -9.27
N VAL A 116 -5.84 0.83 -9.34
CA VAL A 116 -7.05 0.26 -8.75
C VAL A 116 -7.47 -0.94 -9.60
N ALA A 117 -7.31 -0.94 -10.94
CA ALA A 117 -7.69 -2.12 -11.71
C ALA A 117 -6.87 -3.35 -11.29
N LEU A 118 -5.56 -3.20 -11.03
CA LEU A 118 -4.70 -4.28 -10.56
C LEU A 118 -5.18 -4.78 -9.22
N ARG A 119 -5.46 -3.88 -8.25
CA ARG A 119 -5.97 -4.26 -6.94
C ARG A 119 -7.29 -5.03 -6.98
N GLN A 120 -8.24 -4.52 -7.76
CA GLN A 120 -9.55 -5.09 -7.80
C GLN A 120 -9.56 -6.40 -8.57
N GLU A 121 -8.87 -6.49 -9.70
CA GLU A 121 -8.86 -7.70 -10.49
C GLU A 121 -8.08 -8.86 -9.88
N LEU A 122 -7.14 -8.54 -9.01
CA LEU A 122 -6.37 -9.57 -8.35
C LEU A 122 -6.86 -9.79 -6.93
N ASP A 123 -7.98 -9.14 -6.59
CA ASP A 123 -8.61 -9.10 -5.28
C ASP A 123 -7.60 -8.95 -4.14
N LEU A 124 -6.73 -7.93 -4.29
CA LEU A 124 -5.74 -7.59 -3.29
C LEU A 124 -6.38 -6.63 -2.32
N TYR A 125 -7.23 -7.20 -1.43
CA TYR A 125 -8.07 -6.42 -0.55
C TYR A 125 -7.38 -5.71 0.61
N ILE A 126 -6.09 -5.99 0.84
CA ILE A 126 -5.33 -5.26 1.84
C ILE A 126 -4.37 -4.31 1.14
N CYS A 127 -4.48 -3.01 1.45
CA CYS A 127 -3.46 -2.07 1.03
C CYS A 127 -2.75 -1.80 2.35
N LEU A 128 -1.48 -2.24 2.40
CA LEU A 128 -0.69 -2.20 3.61
C LEU A 128 0.41 -1.16 3.47
N ARG A 129 0.34 -0.17 4.35
CA ARG A 129 1.24 0.96 4.33
C ARG A 129 1.85 1.15 5.71
N PRO A 130 3.02 0.61 6.00
CA PRO A 130 3.72 0.91 7.25
C PRO A 130 4.38 2.28 7.19
N VAL A 131 4.14 3.10 8.22
CA VAL A 131 4.76 4.41 8.25
C VAL A 131 5.51 4.63 9.55
N ARG A 132 6.83 4.74 9.43
CA ARG A 132 7.62 5.13 10.57
C ARG A 132 8.68 6.12 10.10
N TYR A 133 9.33 6.78 11.06
CA TYR A 133 10.33 7.80 10.77
C TYR A 133 11.74 7.24 10.63
N TYR A 134 12.46 7.63 9.59
CA TYR A 134 13.87 7.29 9.48
C TYR A 134 14.70 8.45 9.94
N GLN A 135 15.45 8.23 11.02
CA GLN A 135 16.33 9.25 11.59
C GLN A 135 17.22 9.92 10.55
N GLY A 136 17.23 11.25 10.58
CA GLY A 136 17.94 12.02 9.57
C GLY A 136 17.01 12.55 8.49
N THR A 137 15.75 12.11 8.40
CA THR A 137 14.83 12.54 7.35
C THR A 137 14.32 13.94 7.65
N PRO A 138 14.41 14.94 6.75
CA PRO A 138 13.81 16.26 7.00
C PRO A 138 12.29 16.14 7.05
N SER A 139 11.69 16.58 8.15
CA SER A 139 10.26 16.48 8.40
C SER A 139 9.63 17.83 8.74
N PRO A 140 8.40 18.15 8.33
CA PRO A 140 7.71 19.39 8.71
C PRO A 140 7.25 19.47 10.17
N VAL A 141 7.23 18.36 10.92
CA VAL A 141 6.69 18.36 12.27
C VAL A 141 7.84 18.23 13.24
N LYS A 142 7.54 18.61 14.47
CA LYS A 142 8.54 18.66 15.52
C LYS A 142 8.97 17.30 16.01
N HIS A 143 8.04 16.33 16.15
CA HIS A 143 8.40 15.02 16.68
C HIS A 143 7.97 13.86 15.79
N PRO A 144 8.53 13.70 14.59
CA PRO A 144 8.18 12.63 13.64
C PRO A 144 8.49 11.22 14.16
N GLU A 145 9.44 11.15 15.10
CA GLU A 145 9.86 9.88 15.64
C GLU A 145 8.75 9.25 16.47
N LEU A 146 7.73 10.00 16.89
CA LEU A 146 6.57 9.41 17.59
C LEU A 146 5.59 8.66 16.70
N THR A 147 5.74 8.71 15.37
CA THR A 147 4.84 8.03 14.46
C THR A 147 5.49 6.70 14.13
N ASP A 148 4.75 5.64 14.40
CA ASP A 148 5.13 4.29 14.01
C ASP A 148 3.82 3.51 13.92
N MET A 149 3.27 3.59 12.71
CA MET A 149 1.93 3.09 12.44
C MET A 149 1.90 2.13 11.28
N VAL A 150 0.85 1.31 11.17
CA VAL A 150 0.77 0.36 10.06
C VAL A 150 -0.66 0.44 9.61
N ILE A 151 -0.85 0.87 8.36
CA ILE A 151 -2.19 1.11 7.85
C ILE A 151 -2.66 -0.10 7.09
N PHE A 152 -3.82 -0.60 7.51
CA PHE A 152 -4.54 -1.64 6.77
C PHE A 152 -5.73 -0.91 6.17
N ARG A 153 -5.59 -0.57 4.91
CA ARG A 153 -6.62 0.12 4.15
C ARG A 153 -7.37 -0.90 3.28
N GLU A 154 -8.70 -0.93 3.46
CA GLU A 154 -9.56 -1.84 2.70
C GLU A 154 -9.39 -1.42 1.24
N ASN A 155 -9.13 -2.38 0.33
CA ASN A 155 -8.70 -2.06 -1.00
C ASN A 155 -9.61 -2.54 -2.11
N SER A 156 -10.84 -2.98 -1.86
CA SER A 156 -11.72 -3.53 -2.90
C SER A 156 -13.06 -2.85 -2.98
N GLU A 157 -13.47 -2.08 -1.98
CA GLU A 157 -14.80 -1.50 -1.96
C GLU A 157 -14.78 0.01 -1.79
N ASP A 158 -15.81 0.61 -1.17
CA ASP A 158 -15.94 2.05 -0.92
C ASP A 158 -16.22 2.78 -2.23
N ILE A 159 -16.43 4.11 -2.17
CA ILE A 159 -16.62 5.01 -3.31
C ILE A 159 -15.41 4.97 -4.25
N TYR A 160 -14.28 4.50 -3.70
CA TYR A 160 -13.03 4.31 -4.42
C TYR A 160 -13.15 3.25 -5.51
N ALA A 161 -14.22 2.44 -5.51
CA ALA A 161 -14.46 1.40 -6.50
C ALA A 161 -14.89 1.74 -7.93
N GLY A 162 -15.16 3.03 -8.21
CA GLY A 162 -15.46 3.46 -9.57
C GLY A 162 -16.89 3.32 -10.03
N ILE A 163 -17.88 3.23 -9.14
CA ILE A 163 -19.29 3.11 -9.56
C ILE A 163 -19.91 4.49 -9.53
N GLU A 164 -20.17 5.04 -10.71
CA GLU A 164 -20.72 6.38 -10.82
C GLU A 164 -21.17 6.69 -12.22
N TRP A 165 -22.02 7.72 -12.34
CA TRP A 165 -22.55 8.17 -13.64
C TRP A 165 -22.50 9.70 -13.69
N LYS A 166 -22.20 10.16 -14.91
CA LYS A 166 -21.99 11.57 -15.23
C LYS A 166 -23.27 12.40 -15.23
N ALA A 167 -23.21 13.63 -14.68
CA ALA A 167 -24.30 14.57 -14.72
C ALA A 167 -24.86 14.69 -16.14
N ASP A 168 -26.17 14.74 -16.22
CA ASP A 168 -26.94 14.80 -17.46
C ASP A 168 -26.87 13.59 -18.39
N SER A 169 -26.15 12.49 -18.05
CA SER A 169 -26.18 11.29 -18.87
C SER A 169 -27.52 10.60 -18.60
N ALA A 170 -27.98 9.78 -19.55
CA ALA A 170 -29.21 9.01 -19.39
C ALA A 170 -29.14 8.12 -18.15
N ASP A 171 -27.98 7.52 -17.91
CA ASP A 171 -27.78 6.70 -16.72
C ASP A 171 -27.88 7.43 -15.41
N ALA A 172 -27.29 8.64 -15.25
CA ALA A 172 -27.43 9.38 -13.99
C ALA A 172 -28.87 9.81 -13.77
N GLU A 173 -29.59 10.23 -14.83
CA GLU A 173 -31.00 10.58 -14.70
C GLU A 173 -31.87 9.39 -14.29
N LYS A 174 -31.56 8.21 -14.86
CA LYS A 174 -32.24 6.96 -14.52
C LYS A 174 -32.00 6.61 -13.06
N VAL A 175 -30.75 6.70 -12.58
CA VAL A 175 -30.47 6.43 -11.17
C VAL A 175 -31.16 7.44 -10.28
N ILE A 176 -31.13 8.75 -10.63
CA ILE A 176 -31.72 9.76 -9.76
C ILE A 176 -33.22 9.54 -9.73
N LYS A 177 -33.85 9.18 -10.87
CA LYS A 177 -35.29 8.93 -10.89
C LYS A 177 -35.67 7.74 -9.98
N PHE A 178 -34.89 6.66 -10.05
CA PHE A 178 -35.09 5.52 -9.16
C PHE A 178 -34.96 5.95 -7.70
N LEU A 179 -33.89 6.72 -7.37
CA LEU A 179 -33.69 7.16 -6.01
C LEU A 179 -34.83 8.03 -5.50
N ARG A 180 -35.29 9.01 -6.29
CA ARG A 180 -36.34 9.89 -5.79
C ARG A 180 -37.70 9.22 -5.81
N GLU A 181 -38.00 8.55 -6.93
CA GLU A 181 -39.31 7.95 -7.13
C GLU A 181 -39.54 6.62 -6.45
N GLU A 182 -38.57 5.69 -6.54
CA GLU A 182 -38.73 4.38 -5.93
C GLU A 182 -38.21 4.21 -4.52
N MET A 183 -37.13 4.93 -4.21
CA MET A 183 -36.57 4.89 -2.88
C MET A 183 -37.02 6.05 -2.00
N GLY A 184 -37.73 7.04 -2.56
CA GLY A 184 -38.22 8.14 -1.74
C GLY A 184 -37.13 9.07 -1.22
N VAL A 185 -36.02 9.19 -1.94
CA VAL A 185 -34.96 10.07 -1.49
C VAL A 185 -35.36 11.53 -1.67
N LYS A 186 -35.27 12.31 -0.59
CA LYS A 186 -35.59 13.71 -0.65
C LYS A 186 -34.33 14.56 -0.45
N LYS A 187 -33.17 13.98 -0.15
CA LYS A 187 -32.03 14.80 0.17
C LYS A 187 -31.04 15.11 -0.92
N ILE A 188 -31.36 14.89 -2.20
CA ILE A 188 -30.51 15.33 -3.30
C ILE A 188 -30.90 16.80 -3.51
N ARG A 189 -30.03 17.72 -3.11
CA ARG A 189 -30.35 19.15 -3.12
C ARG A 189 -30.73 19.65 -4.50
N PHE A 190 -29.93 19.26 -5.49
CA PHE A 190 -30.14 19.64 -6.87
C PHE A 190 -30.06 18.39 -7.74
N PRO A 191 -31.22 17.80 -8.13
CA PRO A 191 -31.27 16.58 -8.93
C PRO A 191 -30.92 16.72 -10.40
N GLU A 192 -30.96 17.92 -10.96
CA GLU A 192 -30.59 18.20 -12.33
C GLU A 192 -29.11 18.45 -12.46
N HIS A 193 -28.46 18.11 -13.58
CA HIS A 193 -27.01 18.30 -13.81
C HIS A 193 -26.20 17.85 -12.59
N CYS A 194 -26.47 16.60 -12.18
CA CYS A 194 -25.94 16.04 -10.96
C CYS A 194 -25.26 14.70 -11.19
N GLY A 195 -23.97 14.64 -10.86
CA GLY A 195 -23.22 13.38 -10.88
C GLY A 195 -23.61 12.55 -9.67
N ILE A 196 -23.54 11.22 -9.85
CA ILE A 196 -23.91 10.26 -8.80
C ILE A 196 -22.84 9.19 -8.63
N GLY A 197 -22.36 8.97 -7.40
CA GLY A 197 -21.43 7.89 -7.08
C GLY A 197 -22.05 6.95 -6.05
N ILE A 198 -21.65 5.66 -6.06
CA ILE A 198 -22.18 4.69 -5.12
C ILE A 198 -21.05 4.25 -4.16
N LYS A 199 -21.33 4.20 -2.86
CA LYS A 199 -20.32 3.82 -1.87
C LYS A 199 -20.82 2.51 -1.27
N PRO A 200 -20.24 1.35 -1.63
CA PRO A 200 -20.57 0.07 -0.99
C PRO A 200 -19.59 -0.31 0.10
N MET A 201 -20.05 -0.97 1.17
CA MET A 201 -19.15 -1.56 2.17
C MET A 201 -19.87 -2.77 2.76
N SER A 202 -19.30 -3.94 2.51
CA SER A 202 -19.88 -5.21 2.92
C SER A 202 -19.28 -5.73 4.24
N GLU A 203 -20.00 -6.69 4.83
CA GLU A 203 -19.55 -7.32 6.07
C GLU A 203 -18.36 -8.21 5.78
N GLU A 204 -18.39 -8.98 4.69
CA GLU A 204 -17.30 -9.89 4.39
C GLU A 204 -16.03 -9.11 4.08
N GLY A 205 -16.15 -8.01 3.30
CA GLY A 205 -15.01 -7.14 2.96
C GLY A 205 -14.41 -6.49 4.19
N THR A 206 -15.28 -6.06 5.11
CA THR A 206 -14.82 -5.48 6.34
C THR A 206 -14.08 -6.53 7.20
N LYS A 207 -14.69 -7.69 7.41
CA LYS A 207 -14.11 -8.67 8.33
C LYS A 207 -12.83 -9.26 7.78
N ARG A 208 -12.64 -9.49 6.49
CA ARG A 208 -11.34 -9.98 6.03
C ARG A 208 -10.24 -8.92 6.16
N LEU A 209 -10.55 -7.62 6.00
CA LEU A 209 -9.52 -6.60 6.21
C LEU A 209 -9.21 -6.48 7.71
N VAL A 210 -10.20 -6.41 8.62
CA VAL A 210 -9.89 -6.23 10.03
C VAL A 210 -9.27 -7.51 10.58
N ARG A 211 -9.63 -8.69 10.04
CA ARG A 211 -9.00 -9.96 10.44
C ARG A 211 -7.49 -9.91 10.16
N ALA A 212 -7.12 -9.47 8.96
CA ALA A 212 -5.71 -9.30 8.60
C ALA A 212 -5.01 -8.29 9.51
N ALA A 213 -5.66 -7.19 9.90
CA ALA A 213 -5.05 -6.20 10.76
C ALA A 213 -4.79 -6.73 12.18
N ILE A 214 -5.76 -7.47 12.74
CA ILE A 214 -5.58 -8.04 14.08
C ILE A 214 -4.54 -9.18 14.05
N GLU A 215 -4.51 -10.04 13.01
CA GLU A 215 -3.47 -11.07 12.90
C GLU A 215 -2.11 -10.40 12.80
N TYR A 216 -2.02 -9.26 12.09
CA TYR A 216 -0.77 -8.51 11.99
C TYR A 216 -0.36 -7.96 13.34
N ALA A 217 -1.29 -7.37 14.11
CA ALA A 217 -0.94 -6.88 15.45
C ALA A 217 -0.48 -8.06 16.33
N ILE A 218 -1.06 -9.25 16.17
CA ILE A 218 -0.60 -10.40 16.91
C ILE A 218 0.80 -10.85 16.48
N ALA A 219 1.03 -11.19 15.21
CA ALA A 219 2.30 -11.61 14.69
C ALA A 219 3.43 -10.63 14.93
N ASN A 220 3.13 -9.33 15.06
CA ASN A 220 4.18 -8.35 15.24
C ASN A 220 4.19 -7.72 16.60
N ASP A 221 3.40 -8.29 17.51
CA ASP A 221 3.25 -7.80 18.87
C ASP A 221 3.09 -6.28 19.01
N ARG A 222 2.14 -5.78 18.21
CA ARG A 222 1.79 -4.37 18.20
C ARG A 222 0.79 -4.13 19.33
N ASP A 223 0.66 -2.88 19.75
CA ASP A 223 -0.15 -2.52 20.89
C ASP A 223 -1.64 -2.33 20.71
N SER A 224 -2.09 -1.97 19.51
CA SER A 224 -3.50 -1.66 19.30
C SER A 224 -3.84 -1.65 17.83
N VAL A 225 -5.15 -1.70 17.58
CA VAL A 225 -5.75 -1.66 16.27
C VAL A 225 -6.85 -0.62 16.47
N THR A 226 -6.77 0.46 15.67
CA THR A 226 -7.75 1.52 15.70
C THR A 226 -8.54 1.43 14.42
N LEU A 227 -9.86 1.25 14.56
CA LEU A 227 -10.81 1.31 13.47
C LEU A 227 -11.10 2.79 13.17
N VAL A 228 -10.65 3.33 12.02
CA VAL A 228 -10.92 4.74 11.68
C VAL A 228 -12.03 4.80 10.65
N HIS A 229 -13.04 5.62 10.94
CA HIS A 229 -14.26 5.62 10.15
C HIS A 229 -14.94 6.99 10.21
N LYS A 230 -15.89 7.30 9.33
CA LYS A 230 -16.69 8.51 9.50
C LYS A 230 -18.14 8.02 9.69
N GLY A 231 -18.31 7.19 10.72
CA GLY A 231 -19.56 6.52 10.96
C GLY A 231 -20.63 7.39 11.58
N ASN A 232 -20.36 8.58 12.12
CA ASN A 232 -21.46 9.39 12.66
C ASN A 232 -22.26 10.07 11.54
N ILE A 233 -21.78 10.07 10.30
CA ILE A 233 -22.46 10.65 9.15
C ILE A 233 -22.87 9.55 8.17
N MET A 234 -21.94 8.63 7.89
CA MET A 234 -22.20 7.48 7.02
C MET A 234 -22.33 6.23 7.93
N LYS A 235 -23.54 6.07 8.50
CA LYS A 235 -23.82 5.05 9.47
C LYS A 235 -23.77 3.64 8.93
N PHE A 236 -24.13 3.44 7.68
CA PHE A 236 -24.30 2.10 7.16
C PHE A 236 -23.17 1.60 6.30
N THR A 237 -22.13 2.40 6.07
CA THR A 237 -20.97 1.96 5.33
C THR A 237 -19.78 2.12 6.30
N GLU A 238 -19.41 3.38 6.65
CA GLU A 238 -18.34 3.65 7.60
C GLU A 238 -18.68 3.17 9.01
N GLY A 239 -19.91 3.44 9.46
CA GLY A 239 -20.33 3.05 10.81
C GLY A 239 -20.41 1.52 10.92
N ALA A 240 -20.94 0.89 9.86
CA ALA A 240 -21.03 -0.55 9.80
C ALA A 240 -19.64 -1.18 9.73
N PHE A 241 -18.66 -0.58 9.03
CA PHE A 241 -17.27 -1.06 9.04
C PHE A 241 -16.75 -1.15 10.47
N LYS A 242 -17.00 -0.07 11.22
CA LYS A 242 -16.58 0.00 12.61
C LYS A 242 -17.27 -1.08 13.45
N ASP A 243 -18.59 -1.24 13.30
CA ASP A 243 -19.31 -2.24 14.07
C ASP A 243 -18.88 -3.66 13.74
N TRP A 244 -18.71 -3.95 12.47
CA TRP A 244 -18.26 -5.25 12.04
C TRP A 244 -16.82 -5.51 12.48
N GLY A 245 -15.97 -4.49 12.64
CA GLY A 245 -14.59 -4.65 13.03
C GLY A 245 -14.56 -5.05 14.50
N TYR A 246 -15.38 -4.40 15.32
CA TYR A 246 -15.45 -4.75 16.73
C TYR A 246 -16.06 -6.16 16.93
N GLN A 247 -17.06 -6.49 16.13
CA GLN A 247 -17.72 -7.77 16.16
C GLN A 247 -16.73 -8.87 15.83
N LEU A 248 -15.92 -8.66 14.80
CA LEU A 248 -14.93 -9.63 14.41
C LEU A 248 -13.94 -9.88 15.56
N ALA A 249 -13.47 -8.81 16.20
CA ALA A 249 -12.55 -8.91 17.31
C ALA A 249 -13.16 -9.74 18.44
N ARG A 250 -14.44 -9.56 18.72
CA ARG A 250 -15.13 -10.36 19.73
C ARG A 250 -15.32 -11.83 19.28
N GLU A 251 -15.74 -12.04 18.04
CA GLU A 251 -16.07 -13.36 17.54
C GLU A 251 -14.87 -14.26 17.36
N GLU A 252 -13.75 -13.69 16.91
CA GLU A 252 -12.65 -14.53 16.53
C GLU A 252 -11.38 -14.37 17.33
N PHE A 253 -11.28 -13.32 18.13
CA PHE A 253 -10.06 -13.07 18.86
C PHE A 253 -10.28 -12.91 20.35
N GLY A 254 -11.48 -13.32 20.79
CA GLY A 254 -11.86 -13.29 22.19
C GLY A 254 -11.84 -11.92 22.81
N GLY A 255 -12.19 -10.89 22.04
CA GLY A 255 -12.15 -9.54 22.54
C GLY A 255 -13.04 -9.40 23.77
N GLU A 256 -12.47 -8.76 24.78
CA GLU A 256 -13.15 -8.48 26.03
C GLU A 256 -13.33 -6.96 26.21
N LEU A 257 -14.42 -6.54 26.84
CA LEU A 257 -14.68 -5.12 27.04
C LEU A 257 -13.72 -4.43 28.01
N ILE A 258 -13.20 -3.27 27.65
CA ILE A 258 -12.38 -2.49 28.56
C ILE A 258 -13.35 -1.48 29.19
N ASP A 259 -13.42 -1.49 30.53
CA ASP A 259 -14.23 -0.55 31.31
C ASP A 259 -15.68 -0.62 30.83
N GLY A 260 -16.30 0.50 30.47
CA GLY A 260 -17.68 0.42 29.99
C GLY A 260 -17.77 0.41 28.48
N GLY A 261 -16.66 0.17 27.77
CA GLY A 261 -16.63 0.17 26.32
C GLY A 261 -16.51 1.57 25.74
N PRO A 262 -16.34 1.75 24.43
CA PRO A 262 -16.44 0.68 23.44
C PRO A 262 -15.16 -0.09 23.15
N TRP A 263 -14.03 0.27 23.71
CA TRP A 263 -12.81 -0.43 23.35
C TRP A 263 -12.75 -1.85 23.88
N LEU A 264 -12.03 -2.71 23.16
CA LEU A 264 -11.89 -4.10 23.54
C LEU A 264 -10.41 -4.35 23.75
N LYS A 265 -10.11 -5.47 24.44
CA LYS A 265 -8.75 -5.95 24.58
C LYS A 265 -8.73 -7.37 24.04
N VAL A 266 -7.74 -7.67 23.20
CA VAL A 266 -7.53 -8.97 22.58
C VAL A 266 -6.21 -9.47 23.15
N LYS A 267 -6.15 -10.67 23.74
CA LYS A 267 -4.87 -11.15 24.28
C LYS A 267 -4.03 -11.74 23.16
N ASN A 268 -2.80 -11.29 23.09
CA ASN A 268 -1.89 -11.83 22.11
C ASN A 268 -1.59 -13.27 22.57
N PRO A 269 -1.95 -14.27 21.75
CA PRO A 269 -1.75 -15.69 22.04
C PRO A 269 -0.32 -16.10 22.32
N ASN A 270 0.60 -15.36 21.71
CA ASN A 270 2.00 -15.62 21.81
C ASN A 270 2.75 -14.79 22.83
N THR A 271 2.40 -13.55 23.14
CA THR A 271 3.19 -12.77 24.09
C THR A 271 2.41 -12.42 25.34
N GLY A 272 1.10 -12.74 25.34
CA GLY A 272 0.23 -12.38 26.43
C GLY A 272 -0.15 -10.90 26.48
N LYS A 273 0.42 -10.04 25.61
CA LYS A 273 0.11 -8.60 25.60
C LYS A 273 -1.37 -8.37 25.29
N GLU A 274 -2.00 -7.45 26.00
CA GLU A 274 -3.38 -7.12 25.72
C GLU A 274 -3.40 -6.05 24.65
N ILE A 275 -3.82 -6.42 23.44
CA ILE A 275 -3.97 -5.51 22.32
C ILE A 275 -5.27 -4.75 22.44
N VAL A 276 -5.25 -3.41 22.44
CA VAL A 276 -6.45 -2.59 22.53
C VAL A 276 -7.07 -2.47 21.15
N ILE A 277 -8.37 -2.75 21.01
CA ILE A 277 -9.13 -2.51 19.79
C ILE A 277 -9.97 -1.27 20.12
N LYS A 278 -9.75 -0.17 19.36
CA LYS A 278 -10.46 1.07 19.62
C LYS A 278 -10.90 1.69 18.30
N ASP A 279 -11.53 2.86 18.31
CA ASP A 279 -11.96 3.49 17.06
C ASP A 279 -11.92 4.99 17.28
N VAL A 280 -11.68 5.70 16.16
CA VAL A 280 -11.61 7.17 16.16
C VAL A 280 -12.32 7.63 14.90
N ILE A 281 -13.13 8.67 14.97
CA ILE A 281 -13.78 9.22 13.77
C ILE A 281 -12.67 9.88 12.91
N ALA A 282 -12.77 9.70 11.58
CA ALA A 282 -11.68 9.99 10.66
C ALA A 282 -11.16 11.42 10.61
N ASP A 283 -12.04 12.44 10.77
CA ASP A 283 -11.57 13.82 10.74
C ASP A 283 -10.80 14.10 12.02
N ALA A 284 -11.29 13.68 13.20
CA ALA A 284 -10.56 13.79 14.45
C ALA A 284 -9.23 13.01 14.37
N PHE A 285 -9.21 11.87 13.65
CA PHE A 285 -8.00 11.05 13.52
C PHE A 285 -6.91 11.81 12.77
N LEU A 286 -7.28 12.57 11.72
CA LEU A 286 -6.29 13.36 11.01
C LEU A 286 -5.68 14.45 11.88
N GLN A 287 -6.37 14.80 12.96
CA GLN A 287 -5.83 15.70 13.98
C GLN A 287 -4.96 14.92 14.95
N GLN A 288 -5.43 13.74 15.39
CA GLN A 288 -4.74 12.92 16.39
C GLN A 288 -3.43 12.38 15.91
N ILE A 289 -3.26 12.10 14.62
CA ILE A 289 -1.99 11.58 14.15
C ILE A 289 -0.92 12.66 14.28
N LEU A 290 -1.33 13.94 14.29
CA LEU A 290 -0.41 15.03 14.49
C LEU A 290 -0.20 15.31 15.96
N LEU A 291 -1.29 15.27 16.75
CA LEU A 291 -1.24 15.72 18.14
C LEU A 291 -0.88 14.68 19.17
N ARG A 292 -1.32 13.45 18.94
CA ARG A 292 -1.02 12.34 19.84
C ARG A 292 -0.58 11.12 19.05
N PRO A 293 0.43 11.20 18.16
CA PRO A 293 0.81 10.08 17.30
C PRO A 293 1.22 8.80 18.04
N ALA A 294 1.82 8.90 19.21
CA ALA A 294 2.26 7.73 19.94
C ALA A 294 1.13 6.86 20.46
N GLU A 295 -0.13 7.33 20.44
CA GLU A 295 -1.23 6.52 20.89
C GLU A 295 -1.76 5.59 19.82
N TYR A 296 -1.23 5.63 18.61
CA TYR A 296 -1.77 4.86 17.52
C TYR A 296 -0.72 3.93 16.98
N ASP A 297 -1.18 2.81 16.42
CA ASP A 297 -0.27 1.79 15.98
C ASP A 297 -0.82 1.12 14.72
N VAL A 298 -1.56 -0.01 14.81
CA VAL A 298 -2.15 -0.61 13.62
C VAL A 298 -3.48 0.11 13.40
N ILE A 299 -3.75 0.50 12.15
CA ILE A 299 -4.96 1.22 11.78
C ILE A 299 -5.72 0.35 10.79
N ALA A 300 -7.04 0.25 10.91
CA ALA A 300 -7.84 -0.50 9.96
C ALA A 300 -8.89 0.51 9.52
N CYS A 301 -9.04 0.71 8.22
CA CYS A 301 -9.96 1.72 7.71
C CYS A 301 -10.40 1.38 6.30
N MET A 302 -11.38 2.12 5.77
CA MET A 302 -11.88 1.92 4.42
C MET A 302 -10.96 2.56 3.41
N ASN A 303 -11.29 2.36 2.14
CA ASN A 303 -10.43 2.67 1.02
C ASN A 303 -10.04 4.14 0.87
N LEU A 304 -11.02 5.01 0.76
CA LEU A 304 -10.72 6.43 0.63
C LEU A 304 -10.05 6.98 1.89
N ASN A 305 -10.56 6.73 3.09
CA ASN A 305 -9.89 7.23 4.28
C ASN A 305 -8.48 6.65 4.38
N GLY A 306 -8.25 5.41 3.95
CA GLY A 306 -6.91 4.84 3.97
C GLY A 306 -5.95 5.59 3.07
N ASP A 307 -6.45 6.01 1.89
CA ASP A 307 -5.66 6.81 0.96
C ASP A 307 -5.18 8.12 1.61
N TYR A 308 -6.14 8.79 2.24
CA TYR A 308 -5.86 10.06 2.89
C TYR A 308 -4.93 9.92 4.08
N ILE A 309 -5.24 8.97 4.97
CA ILE A 309 -4.41 8.71 6.17
C ILE A 309 -2.97 8.35 5.83
N SER A 310 -2.76 7.39 4.92
CA SER A 310 -1.42 6.97 4.50
C SER A 310 -0.64 8.15 3.96
N ASP A 311 -1.26 8.97 3.08
CA ASP A 311 -0.58 10.13 2.53
C ASP A 311 -0.27 11.18 3.55
N ALA A 312 -1.18 11.48 4.48
CA ALA A 312 -0.92 12.50 5.51
C ALA A 312 0.21 12.02 6.46
N LEU A 313 0.21 10.72 6.82
CA LEU A 313 1.26 10.20 7.67
C LEU A 313 2.62 10.19 7.02
N ALA A 314 2.68 9.81 5.73
CA ALA A 314 3.93 9.79 4.97
C ALA A 314 4.49 11.22 4.91
N ALA A 315 3.62 12.24 4.75
CA ALA A 315 4.11 13.62 4.68
C ALA A 315 4.71 14.07 6.00
N GLN A 316 4.06 13.71 7.11
CA GLN A 316 4.48 14.17 8.43
C GLN A 316 5.85 13.65 8.88
N VAL A 317 6.21 12.41 8.49
CA VAL A 317 7.51 11.84 8.83
C VAL A 317 8.54 12.19 7.77
N GLY A 318 8.23 13.07 6.80
CA GLY A 318 9.21 13.41 5.77
C GLY A 318 9.37 12.28 4.77
N GLY A 319 8.45 11.32 4.73
CA GLY A 319 8.64 10.12 3.94
C GLY A 319 7.75 10.06 2.72
N ILE A 320 7.35 11.21 2.16
CA ILE A 320 6.47 11.21 0.98
C ILE A 320 7.08 10.47 -0.21
N GLY A 321 8.40 10.40 -0.38
CA GLY A 321 9.04 9.70 -1.47
C GLY A 321 9.73 8.39 -1.03
N ILE A 322 9.63 7.99 0.25
CA ILE A 322 10.18 6.71 0.68
C ILE A 322 9.13 5.83 1.36
N ALA A 323 7.85 6.05 1.12
CA ALA A 323 6.80 5.30 1.78
C ALA A 323 6.52 3.99 1.06
N PRO A 324 6.74 2.83 1.70
CA PRO A 324 6.48 1.53 1.11
C PRO A 324 5.01 1.20 1.05
N GLY A 325 4.59 0.30 0.15
CA GLY A 325 3.23 -0.19 0.15
C GLY A 325 3.16 -1.54 -0.53
N ALA A 326 2.14 -2.28 -0.09
CA ALA A 326 1.81 -3.60 -0.61
C ALA A 326 0.32 -3.69 -0.83
N ASN A 327 -0.10 -4.48 -1.82
CA ASN A 327 -1.49 -4.77 -2.08
C ASN A 327 -1.50 -6.30 -1.94
N ILE A 328 -2.10 -6.82 -0.89
CA ILE A 328 -2.09 -8.26 -0.60
C ILE A 328 -3.50 -8.84 -0.57
N GLY A 329 -3.67 -9.97 -1.24
CA GLY A 329 -4.92 -10.69 -1.12
C GLY A 329 -4.66 -12.08 -0.51
N ASP A 330 -5.58 -13.01 -0.68
CA ASP A 330 -5.37 -14.36 -0.19
C ASP A 330 -4.51 -15.21 -1.09
N GLU A 331 -4.43 -14.84 -2.36
CA GLU A 331 -3.68 -15.66 -3.29
C GLU A 331 -2.47 -14.97 -3.86
N TYR A 332 -2.56 -13.64 -4.06
CA TYR A 332 -1.55 -12.89 -4.82
C TYR A 332 -1.13 -11.66 -4.04
N ALA A 333 -0.04 -11.05 -4.48
CA ALA A 333 0.49 -9.89 -3.80
C ALA A 333 1.35 -9.08 -4.77
N LEU A 334 1.05 -7.77 -4.75
CA LEU A 334 1.71 -6.79 -5.58
C LEU A 334 2.22 -5.62 -4.73
N PHE A 335 3.54 -5.50 -4.65
CA PHE A 335 4.22 -4.48 -3.86
C PHE A 335 4.44 -3.26 -4.76
N GLU A 336 4.48 -2.05 -4.22
CA GLU A 336 4.53 -0.91 -5.11
C GLU A 336 5.20 0.37 -4.63
N ALA A 337 5.84 1.13 -5.53
CA ALA A 337 6.25 2.49 -5.21
C ALA A 337 4.94 3.25 -4.98
N THR A 338 4.87 4.12 -3.98
CA THR A 338 3.60 4.75 -3.64
C THR A 338 3.52 6.19 -4.05
N HIS A 339 4.64 6.75 -4.51
CA HIS A 339 4.67 8.12 -5.02
C HIS A 339 4.22 8.22 -6.50
N GLY A 340 4.18 9.43 -7.07
CA GLY A 340 3.82 9.60 -8.46
C GLY A 340 4.95 9.30 -9.43
N THR A 341 4.64 9.54 -10.70
CA THR A 341 5.59 9.27 -11.78
C THR A 341 6.65 10.33 -11.99
N ALA A 342 6.48 11.54 -11.37
CA ALA A 342 7.41 12.65 -11.46
C ALA A 342 8.08 12.85 -12.84
N PRO A 343 7.28 13.04 -13.90
CA PRO A 343 7.80 13.05 -15.26
C PRO A 343 8.81 14.19 -15.46
N ASP A 344 8.75 15.25 -14.64
CA ASP A 344 9.68 16.38 -14.68
C ASP A 344 11.12 15.93 -14.47
N ILE A 345 11.39 14.88 -13.65
CA ILE A 345 12.77 14.45 -13.49
C ILE A 345 13.05 13.06 -14.03
N ALA A 346 12.07 12.42 -14.70
CA ALA A 346 12.26 11.07 -15.19
C ALA A 346 13.45 10.88 -16.13
N GLY A 347 14.25 9.82 -15.95
CA GLY A 347 15.40 9.57 -16.80
C GLY A 347 16.62 10.35 -16.36
N GLN A 348 16.52 11.23 -15.36
CA GLN A 348 17.63 12.03 -14.88
C GLN A 348 18.45 11.42 -13.75
N ASP A 349 18.07 10.21 -13.30
CA ASP A 349 18.71 9.49 -12.20
C ASP A 349 18.81 10.37 -10.96
N LYS A 350 17.69 11.01 -10.66
CA LYS A 350 17.55 11.94 -9.54
C LYS A 350 16.58 11.51 -8.46
N ALA A 351 15.54 10.80 -8.89
CA ALA A 351 14.44 10.42 -8.01
C ALA A 351 14.87 9.61 -6.82
N ASN A 352 14.11 9.69 -5.74
CA ASN A 352 14.35 8.89 -4.55
C ASN A 352 13.84 7.46 -4.81
N PRO A 353 14.71 6.43 -4.79
CA PRO A 353 14.29 5.03 -4.93
C PRO A 353 13.84 4.41 -3.60
N GLY A 354 13.77 5.19 -2.53
CA GLY A 354 13.48 4.67 -1.20
C GLY A 354 12.13 3.97 -1.06
N SER A 355 11.11 4.51 -1.72
CA SER A 355 9.78 3.91 -1.66
C SER A 355 9.73 2.50 -2.25
N ILE A 356 10.17 2.34 -3.51
CA ILE A 356 10.10 1.04 -4.14
C ILE A 356 11.08 0.05 -3.46
N ILE A 357 12.18 0.53 -2.89
CA ILE A 357 13.12 -0.33 -2.19
C ILE A 357 12.51 -0.82 -0.88
N LEU A 358 11.82 0.06 -0.15
CA LEU A 358 11.18 -0.40 1.06
C LEU A 358 9.95 -1.28 0.75
N SER A 359 9.29 -1.08 -0.41
CA SER A 359 8.25 -1.98 -0.86
C SER A 359 8.88 -3.33 -1.22
N ALA A 360 10.12 -3.34 -1.71
CA ALA A 360 10.83 -4.59 -1.99
C ALA A 360 11.23 -5.30 -0.68
N GLU A 361 11.59 -4.54 0.35
CA GLU A 361 11.86 -5.09 1.67
C GLU A 361 10.56 -5.77 2.15
N MET A 362 9.38 -5.13 2.01
CA MET A 362 8.10 -5.71 2.35
C MET A 362 7.82 -6.99 1.56
N MET A 363 8.18 -7.00 0.26
CA MET A 363 8.04 -8.16 -0.60
C MET A 363 8.90 -9.34 -0.10
N LEU A 364 10.17 -9.08 0.20
CA LEU A 364 11.07 -10.12 0.70
C LEU A 364 10.57 -10.67 2.04
N ARG A 365 10.07 -9.79 2.93
CA ARG A 365 9.56 -10.25 4.21
C ARG A 365 8.30 -11.10 4.00
N HIS A 366 7.42 -10.72 3.04
CA HIS A 366 6.23 -11.49 2.71
C HIS A 366 6.67 -12.84 2.17
N MET A 367 7.82 -12.92 1.48
CA MET A 367 8.34 -14.19 0.96
C MET A 367 9.01 -15.09 2.01
N GLY A 368 9.08 -14.63 3.24
CA GLY A 368 9.77 -15.35 4.30
C GLY A 368 11.27 -15.08 4.30
N TRP A 369 11.77 -14.21 3.40
CA TRP A 369 13.19 -13.90 3.36
C TRP A 369 13.47 -12.70 4.26
N THR A 370 13.29 -12.90 5.56
CA THR A 370 13.39 -11.81 6.51
C THR A 370 14.79 -11.31 6.74
N GLU A 371 15.85 -12.07 6.48
CA GLU A 371 17.21 -11.61 6.72
C GLU A 371 17.58 -10.60 5.66
N ALA A 372 17.24 -10.90 4.39
CA ALA A 372 17.45 -9.98 3.28
C ALA A 372 16.59 -8.73 3.48
N ALA A 373 15.32 -8.84 3.94
CA ALA A 373 14.48 -7.69 4.25
C ALA A 373 15.12 -6.83 5.34
N ASP A 374 15.64 -7.48 6.39
CA ASP A 374 16.30 -6.76 7.47
C ASP A 374 17.52 -6.02 7.01
N LEU A 375 18.28 -6.58 6.04
CA LEU A 375 19.43 -5.89 5.51
C LEU A 375 19.01 -4.62 4.75
N ILE A 376 17.90 -4.62 4.01
CA ILE A 376 17.45 -3.40 3.31
C ILE A 376 17.03 -2.34 4.31
N VAL A 377 16.30 -2.66 5.39
CA VAL A 377 15.91 -1.69 6.41
C VAL A 377 17.17 -1.11 7.02
N LYS A 378 18.15 -1.97 7.35
CA LYS A 378 19.42 -1.51 7.91
C LYS A 378 20.15 -0.53 6.98
N GLY A 379 20.17 -0.84 5.67
CA GLY A 379 20.78 -0.03 4.65
C GLY A 379 20.08 1.31 4.53
N MET A 380 18.73 1.36 4.49
CA MET A 380 17.99 2.61 4.44
C MET A 380 18.24 3.44 5.68
N GLU A 381 18.25 2.77 6.83
CA GLU A 381 18.61 3.37 8.10
C GLU A 381 19.91 4.15 8.10
N GLY A 382 20.94 3.44 7.68
CA GLY A 382 22.26 3.97 7.71
C GLY A 382 22.44 5.06 6.69
N ALA A 383 21.99 4.86 5.45
CA ALA A 383 22.17 5.86 4.40
C ALA A 383 21.46 7.18 4.71
N ILE A 384 20.22 7.12 5.24
CA ILE A 384 19.49 8.33 5.57
C ILE A 384 20.13 8.95 6.81
N ASN A 385 20.54 8.13 7.81
CA ASN A 385 21.14 8.70 9.00
C ASN A 385 22.48 9.35 8.69
N ALA A 386 23.17 8.84 7.65
CA ALA A 386 24.43 9.37 7.17
C ALA A 386 24.26 10.65 6.37
N LYS A 387 23.02 11.04 6.05
CA LYS A 387 22.71 12.23 5.26
C LYS A 387 23.28 12.15 3.86
N THR A 388 23.41 10.93 3.35
CA THR A 388 23.85 10.71 1.97
C THR A 388 22.59 10.30 1.23
N VAL A 389 21.94 11.36 0.70
CA VAL A 389 20.56 11.27 0.20
C VAL A 389 20.30 11.96 -1.12
N THR A 390 19.15 11.64 -1.74
CA THR A 390 18.77 12.24 -3.00
C THR A 390 18.24 13.69 -2.82
N LYS A 391 18.07 14.43 -3.93
CA LYS A 391 17.73 15.85 -3.91
C LYS A 391 16.51 16.25 -3.12
N ASP A 392 15.46 15.42 -3.17
CA ASP A 392 14.24 15.67 -2.45
C ASP A 392 14.44 15.71 -0.94
N PHE A 393 15.47 15.01 -0.42
CA PHE A 393 15.82 15.15 0.98
C PHE A 393 16.84 16.31 1.18
N GLU A 394 17.90 16.29 0.36
CA GLU A 394 19.02 17.21 0.52
C GLU A 394 18.61 18.67 0.41
N SER A 395 17.70 18.98 -0.50
CA SER A 395 17.25 20.35 -0.70
C SER A 395 16.51 20.93 0.50
N LEU A 396 16.10 20.07 1.46
CA LEU A 396 15.41 20.51 2.65
C LEU A 396 16.33 20.52 3.81
N MET A 397 17.63 20.32 3.61
CA MET A 397 18.51 20.23 4.75
C MET A 397 19.89 20.80 4.52
N ASP A 398 20.58 20.98 5.64
CA ASP A 398 21.97 21.41 5.63
C ASP A 398 22.90 20.26 5.98
N GLY A 399 24.08 20.24 5.37
CA GLY A 399 25.07 19.23 5.72
C GLY A 399 24.85 17.84 5.13
N ALA A 400 23.93 17.71 4.17
CA ALA A 400 23.75 16.44 3.48
C ALA A 400 24.67 16.32 2.27
N LYS A 401 25.05 15.11 1.88
CA LYS A 401 25.78 14.87 0.65
C LYS A 401 24.74 14.49 -0.37
N LEU A 402 24.60 15.26 -1.45
CA LEU A 402 23.66 14.98 -2.52
C LEU A 402 24.07 13.77 -3.36
N LEU A 403 23.12 12.85 -3.54
CA LEU A 403 23.36 11.65 -4.32
C LEU A 403 22.35 11.51 -5.44
N LYS A 404 22.79 10.99 -6.58
CA LYS A 404 21.93 10.55 -7.68
C LYS A 404 21.09 9.37 -7.16
N CYS A 405 20.02 9.02 -7.87
CA CYS A 405 19.17 7.89 -7.52
C CYS A 405 19.97 6.58 -7.38
N SER A 406 20.82 6.30 -8.39
CA SER A 406 21.66 5.12 -8.45
C SER A 406 22.67 5.12 -7.31
N GLU A 407 23.25 6.30 -7.01
CA GLU A 407 24.22 6.41 -5.93
C GLU A 407 23.59 6.18 -4.57
N PHE A 408 22.33 6.60 -4.38
CA PHE A 408 21.67 6.33 -3.11
C PHE A 408 21.38 4.82 -3.02
N GLY A 409 21.03 4.13 -4.11
CA GLY A 409 20.92 2.66 -4.08
C GLY A 409 22.25 2.06 -3.58
N ASP A 410 23.40 2.57 -4.06
CA ASP A 410 24.69 2.13 -3.57
C ASP A 410 24.90 2.44 -2.11
N ALA A 411 24.44 3.60 -1.62
CA ALA A 411 24.60 3.94 -0.21
C ALA A 411 23.83 2.98 0.68
N ILE A 412 22.64 2.54 0.22
CA ILE A 412 21.85 1.61 0.98
C ILE A 412 22.64 0.28 1.07
N ILE A 413 23.21 -0.22 -0.05
CA ILE A 413 23.99 -1.46 -0.03
C ILE A 413 25.17 -1.31 0.90
N GLU A 414 25.86 -0.17 0.85
CA GLU A 414 27.00 0.13 1.70
C GLU A 414 26.69 0.11 3.17
N ASN A 415 25.44 0.41 3.52
CA ASN A 415 25.01 0.48 4.90
C ASN A 415 24.40 -0.82 5.38
N MET A 416 24.37 -1.87 4.57
CA MET A 416 23.84 -3.18 5.01
C MET A 416 24.75 -3.93 6.00
S SO4 B . -4.10 5.23 -4.65
O1 SO4 B . -4.44 6.54 -5.13
O2 SO4 B . -5.31 4.58 -4.32
O3 SO4 B . -3.46 4.49 -5.71
O4 SO4 B . -3.26 5.28 -3.48
S SO4 C . -3.91 8.00 -11.49
O1 SO4 C . -2.79 8.11 -12.38
O2 SO4 C . -3.46 8.09 -10.15
O3 SO4 C . -4.84 9.05 -11.77
O4 SO4 C . -4.58 6.74 -11.63
S SO4 D . -11.43 10.49 -18.71
O1 SO4 D . -11.72 10.46 -20.10
O2 SO4 D . -10.41 11.44 -18.45
O3 SO4 D . -12.62 10.79 -17.97
O4 SO4 D . -10.94 9.21 -18.32
PA NAD E . 3.75 13.58 -9.06
O1A NAD E . 4.19 12.65 -10.13
O2A NAD E . 3.04 13.05 -7.87
O5B NAD E . 5.06 14.39 -8.55
C5B NAD E . 4.92 15.50 -7.66
C4B NAD E . 6.27 16.07 -7.26
O4B NAD E . 6.93 15.17 -6.35
C3B NAD E . 7.20 16.28 -8.45
O3B NAD E . 7.99 17.48 -8.35
C2B NAD E . 8.05 15.04 -8.43
O2B NAD E . 9.31 15.24 -9.07
C1B NAD E . 8.17 14.72 -6.96
N9A NAD E . 8.45 13.28 -6.70
C8A NAD E . 7.59 12.24 -6.65
N7A NAD E . 8.21 11.10 -6.30
C5A NAD E . 9.47 11.47 -6.14
C6A NAD E . 10.51 10.62 -5.79
N6A NAD E . 10.36 9.34 -5.44
N1A NAD E . 11.72 11.23 -5.71
C2A NAD E . 11.89 12.53 -5.95
N3A NAD E . 10.88 13.34 -6.28
C4A NAD E . 9.65 12.81 -6.38
O3 NAD E . 2.85 14.74 -9.76
#